data_4JV1
#
_entry.id   4JV1
#
_cell.length_a   93.274
_cell.length_b   102.183
_cell.length_c   52.727
_cell.angle_alpha   90.00
_cell.angle_beta   90.00
_cell.angle_gamma   90.00
#
_symmetry.space_group_name_H-M   'P 21 21 2'
#
loop_
_entity.id
_entity.type
_entity.pdbx_description
1 polymer 'DNA polymerase IV'
2 polymer "DNA (5'-D(P*CP*(HN1)P*GP*AP*AP*TP*CP*CP*TP*TP*CP*CP*CP*CP*C)-3')"
3 polymer "DNA (5'-D(*GP*GP*GP*GP*GP*AP*AP*GP*GP*AP*TP*TP*C)-3')"
4 non-polymer "2'-DEOXYGUANOSINE-5'-TRIPHOSPHATE"
5 non-polymer 'CALCIUM ION'
6 water water
#
loop_
_entity_poly.entity_id
_entity_poly.type
_entity_poly.pdbx_seq_one_letter_code
_entity_poly.pdbx_strand_id
1 'polypeptide(L)'
;HHHHHHMIVLFVDFDYFYAQVEEVLNPSLKGKPVVVCVFSGRFEDSGAVATANYEARKFGVKAGIPIVEAKKILPNAVYL
PMRKEVYQQVSSRIMNLLREYSEKIEIASIDEAYLDISDKVRDYREAYNLGLEIKNKILEKEKITVTVGISKNKVFAKIA
ADMAKPNGIKVIDDEEVKRLIRELDIADVPGIGNITAEKLKKLGINKLVDTLSIEFDKLKGMIGEAKAKYLISLARDEYN
EPIRTRVRKSIGRIVTMKRNSRNLEEIKPYLFRAIEESYYKLDKRIPKAIHVVAVTEDLDIVSRGRTFPHGISKETAYSE
SVKLLQKILEEDERKIRRIGVRFSKFI
;
A
2 'polydeoxyribonucleotide' (DC)(HN1)(DG)(DA)(DA)(DT)(DC)(DC)(DT)(DT)(DC)(DC)(DC)(DC)(DC) B
3 'polydeoxyribonucleotide' (DG)(DG)(DG)(DG)(DG)(DA)(DA)(DG)(DG)(DA)(DT)(DT)(DC) C
#
loop_
_chem_comp.id
_chem_comp.type
_chem_comp.name
_chem_comp.formula
CA non-polymer 'CALCIUM ION' 'Ca 2'
DA DNA linking 2'-DEOXYADENOSINE-5'-MONOPHOSPHATE 'C10 H14 N5 O6 P'
DC DNA linking 2'-DEOXYCYTIDINE-5'-MONOPHOSPHATE 'C9 H14 N3 O7 P'
DG DNA linking 2'-DEOXYGUANOSINE-5'-MONOPHOSPHATE 'C10 H14 N5 O7 P'
DGT non-polymer 2'-DEOXYGUANOSINE-5'-TRIPHOSPHATE 'C10 H16 N5 O13 P3'
DT DNA linking THYMIDINE-5'-MONOPHOSPHATE 'C10 H15 N2 O8 P'
HN1 DNA linking (6S,8R)-3-(2-deoxy-5-O-phosphono-beta-D-erythro-pentofuranosyl)-8-hydroxy-6-[(1S)-1-hydroxyhexyl]-4,6,7,8-tetrahydropyrimido[1,2-a]purin-10(3H)-one 'C19 H30 N5 O9 P'
#
# COMPACT_ATOMS: atom_id res chain seq x y z
N MET A 7 24.39 -9.19 6.39
CA MET A 7 23.21 -8.54 5.81
C MET A 7 22.25 -8.05 6.90
N ILE A 8 22.27 -6.75 7.18
CA ILE A 8 21.34 -6.19 8.15
C ILE A 8 20.40 -5.21 7.48
N VAL A 9 19.10 -5.50 7.54
CA VAL A 9 18.11 -4.65 6.92
C VAL A 9 17.28 -3.94 8.00
N LEU A 10 17.09 -2.62 7.84
CA LEU A 10 16.29 -1.86 8.78
C LEU A 10 15.05 -1.29 8.08
N PHE A 11 13.87 -1.65 8.59
CA PHE A 11 12.60 -1.26 7.99
C PHE A 11 11.85 -0.24 8.85
N VAL A 12 11.38 0.83 8.21
CA VAL A 12 10.64 1.88 8.91
C VAL A 12 9.20 2.01 8.41
N ASP A 13 8.27 1.85 9.33
CA ASP A 13 6.85 1.91 9.02
C ASP A 13 6.22 3.01 9.88
N PHE A 14 5.69 4.07 9.28
CA PHE A 14 5.27 5.24 10.10
C PHE A 14 3.96 4.92 10.82
N ASP A 15 3.79 5.25 12.10
CA ASP A 15 2.55 4.81 12.79
C ASP A 15 1.25 5.47 12.32
N TYR A 16 0.21 4.65 12.12
CA TYR A 16 -1.14 5.10 11.70
C TYR A 16 -1.15 6.36 10.81
N PHE A 17 -0.35 6.27 9.74
CA PHE A 17 0.17 7.45 9.08
C PHE A 17 -0.75 8.62 8.76
N TYR A 18 -1.85 8.39 8.03
CA TYR A 18 -2.67 9.52 7.61
C TYR A 18 -3.27 10.20 8.83
N ALA A 19 -3.74 9.40 9.79
CA ALA A 19 -4.34 9.94 11.00
C ALA A 19 -3.31 10.68 11.85
N GLN A 20 -2.10 10.11 11.97
CA GLN A 20 -1.05 10.79 12.72
C GLN A 20 -0.67 12.14 12.09
N VAL A 21 -0.67 12.23 10.77
CA VAL A 21 -0.38 13.49 10.12
C VAL A 21 -1.42 14.52 10.49
N GLU A 22 -2.70 14.12 10.43
CA GLU A 22 -3.78 14.99 10.85
C GLU A 22 -3.62 15.43 12.31
N GLU A 23 -3.09 14.56 13.16
CA GLU A 23 -2.78 14.96 14.54
C GLU A 23 -1.68 16.01 14.60
N VAL A 24 -0.60 15.80 13.85
CA VAL A 24 0.49 16.76 13.78
C VAL A 24 0.02 18.15 13.32
N LEU A 25 -0.87 18.17 12.33
CA LEU A 25 -1.41 19.44 11.82
C LEU A 25 -2.46 20.08 12.76
N ASN A 26 -2.96 19.30 13.72
CA ASN A 26 -3.88 19.78 14.73
C ASN A 26 -3.71 18.94 16.00
N PRO A 27 -2.73 19.32 16.84
CA PRO A 27 -2.31 18.50 17.97
C PRO A 27 -3.40 18.35 19.04
N SER A 28 -4.41 19.20 18.99
CA SER A 28 -5.54 19.05 19.90
C SER A 28 -6.33 17.77 19.61
N LEU A 29 -6.10 17.16 18.45
CA LEU A 29 -6.69 15.85 18.13
C LEU A 29 -6.11 14.70 18.98
N LYS A 30 -4.90 14.88 19.50
CA LYS A 30 -4.21 13.84 20.25
C LYS A 30 -5.06 13.23 21.38
N GLY A 31 -5.06 11.89 21.46
CA GLY A 31 -5.83 11.21 22.50
C GLY A 31 -7.31 11.02 22.18
N LYS A 32 -7.83 11.76 21.19
CA LYS A 32 -9.17 11.52 20.67
C LYS A 32 -9.14 10.42 19.60
N PRO A 33 -10.27 9.71 19.40
CA PRO A 33 -10.36 8.78 18.26
C PRO A 33 -10.47 9.55 16.94
N VAL A 34 -9.51 9.33 16.04
CA VAL A 34 -9.48 10.07 14.77
C VAL A 34 -9.62 9.13 13.58
N VAL A 35 -10.58 9.43 12.71
CA VAL A 35 -10.90 8.56 11.60
C VAL A 35 -10.76 9.32 10.27
N VAL A 36 -9.77 8.95 9.46
CA VAL A 36 -9.55 9.64 8.19
C VAL A 36 -10.36 8.96 7.11
N CYS A 37 -11.24 9.70 6.46
CA CYS A 37 -12.23 9.06 5.61
C CYS A 37 -12.12 9.45 4.15
N VAL A 38 -12.60 8.56 3.29
CA VAL A 38 -12.81 8.88 1.89
C VAL A 38 -14.32 8.88 1.57
N PHE A 39 -14.88 10.09 1.50
CA PHE A 39 -16.30 10.28 1.22
C PHE A 39 -16.59 10.19 -0.29
N SER A 40 -17.48 9.28 -0.69
CA SER A 40 -17.76 9.02 -2.10
C SER A 40 -18.85 9.89 -2.74
N GLY A 41 -19.56 10.69 -1.96
CA GLY A 41 -20.57 11.59 -2.50
C GLY A 41 -21.87 10.93 -2.97
N ARG A 42 -21.97 9.60 -2.86
CA ARG A 42 -23.20 8.89 -3.23
C ARG A 42 -24.37 9.19 -2.28
N PHE A 43 -24.07 9.23 -0.99
CA PHE A 43 -25.03 9.66 0.04
C PHE A 43 -24.28 10.24 1.25
N GLU A 44 -25.03 10.77 2.21
CA GLU A 44 -24.46 11.30 3.45
C GLU A 44 -23.58 10.24 4.13
N ASP A 45 -22.30 10.56 4.29
CA ASP A 45 -21.31 9.61 4.84
C ASP A 45 -21.10 8.31 4.04
N SER A 46 -21.53 8.25 2.78
CA SER A 46 -21.15 7.12 1.93
C SER A 46 -19.62 7.15 1.78
N GLY A 47 -18.99 5.97 1.70
CA GLY A 47 -17.55 5.91 1.60
C GLY A 47 -16.89 5.00 2.61
N ALA A 48 -15.58 5.14 2.79
CA ALA A 48 -14.84 4.22 3.66
C ALA A 48 -13.73 4.89 4.49
N VAL A 49 -13.27 4.18 5.51
CA VAL A 49 -12.16 4.63 6.34
C VAL A 49 -10.84 4.38 5.60
N ALA A 50 -10.03 5.42 5.43
CA ALA A 50 -8.69 5.24 4.86
C ALA A 50 -7.82 4.66 5.95
N THR A 51 -7.92 5.24 7.15
CA THR A 51 -7.26 4.72 8.34
C THR A 51 -7.76 5.46 9.60
N ALA A 52 -7.30 5.03 10.76
CA ALA A 52 -7.76 5.59 12.04
C ALA A 52 -6.63 5.49 13.03
N ASN A 53 -6.56 6.40 14.01
CA ASN A 53 -5.56 6.20 15.06
C ASN A 53 -5.98 5.05 15.99
N TYR A 54 -5.07 4.69 16.89
CA TYR A 54 -5.23 3.51 17.71
C TYR A 54 -6.43 3.65 18.63
N GLU A 55 -6.70 4.88 19.07
CA GLU A 55 -7.85 5.13 19.92
C GLU A 55 -9.16 4.67 19.27
N ALA A 56 -9.32 4.96 17.99
CA ALA A 56 -10.47 4.47 17.23
C ALA A 56 -10.33 2.98 16.92
N ARG A 57 -9.11 2.56 16.64
CA ARG A 57 -8.85 1.18 16.20
C ARG A 57 -9.21 0.13 17.23
N LYS A 58 -8.96 0.40 18.50
CA LYS A 58 -9.20 -0.63 19.49
C LYS A 58 -10.69 -0.94 19.69
N PHE A 59 -11.56 -0.03 19.24
CA PHE A 59 -12.99 -0.34 19.15
C PHE A 59 -13.46 -0.91 17.79
N GLY A 60 -12.53 -1.28 16.91
CA GLY A 60 -12.89 -1.90 15.64
C GLY A 60 -13.04 -0.93 14.46
N VAL A 61 -12.69 0.33 14.67
CA VAL A 61 -12.73 1.26 13.55
C VAL A 61 -11.37 1.26 12.84
N LYS A 62 -11.35 0.74 11.62
CA LYS A 62 -10.09 0.53 10.90
C LYS A 62 -10.26 0.71 9.39
N ALA A 63 -9.15 0.73 8.67
CA ALA A 63 -9.15 0.90 7.21
C ALA A 63 -10.07 -0.13 6.55
N GLY A 64 -10.86 0.33 5.58
CA GLY A 64 -11.72 -0.58 4.83
C GLY A 64 -13.18 -0.65 5.27
N ILE A 65 -13.50 -0.33 6.53
CA ILE A 65 -14.91 -0.35 6.94
C ILE A 65 -15.65 0.88 6.42
N PRO A 66 -16.98 0.76 6.23
CA PRO A 66 -17.73 1.94 5.78
C PRO A 66 -17.79 3.00 6.88
N ILE A 67 -17.81 4.26 6.47
CA ILE A 67 -17.87 5.39 7.39
C ILE A 67 -19.12 5.26 8.27
N VAL A 68 -20.24 4.97 7.62
CA VAL A 68 -21.50 4.63 8.29
C VAL A 68 -21.33 3.64 9.46
N GLU A 69 -20.65 2.52 9.21
CA GLU A 69 -20.44 1.56 10.30
C GLU A 69 -19.53 2.14 11.41
N ALA A 70 -18.46 2.83 11.02
CA ALA A 70 -17.60 3.54 11.98
C ALA A 70 -18.40 4.49 12.87
N LYS A 71 -19.33 5.23 12.26
CA LYS A 71 -20.11 6.23 12.97
C LYS A 71 -21.00 5.60 14.05
N LYS A 72 -21.53 4.41 13.79
CA LYS A 72 -22.39 3.80 14.79
C LYS A 72 -21.60 3.14 15.94
N ILE A 73 -20.35 2.73 15.67
CA ILE A 73 -19.46 2.31 16.74
C ILE A 73 -18.97 3.51 17.55
N LEU A 74 -18.53 4.56 16.85
CA LEU A 74 -17.98 5.74 17.51
C LEU A 74 -18.59 7.02 16.98
N PRO A 75 -19.83 7.33 17.40
CA PRO A 75 -20.51 8.53 16.90
C PRO A 75 -19.79 9.83 17.23
N ASN A 76 -18.98 9.82 18.29
CA ASN A 76 -18.35 11.07 18.72
C ASN A 76 -16.88 11.25 18.33
N ALA A 77 -16.35 10.30 17.55
CA ALA A 77 -14.98 10.38 17.02
C ALA A 77 -14.79 11.61 16.12
N VAL A 78 -13.54 12.00 15.86
CA VAL A 78 -13.28 13.04 14.86
C VAL A 78 -13.17 12.43 13.46
N TYR A 79 -14.02 12.91 12.54
CA TYR A 79 -14.03 12.37 11.18
C TYR A 79 -13.52 13.40 10.19
N LEU A 80 -12.43 13.08 9.51
CA LEU A 80 -11.75 13.99 8.60
C LEU A 80 -11.62 13.39 7.20
N PRO A 81 -11.77 14.24 6.17
CA PRO A 81 -11.59 13.81 4.77
C PRO A 81 -10.12 13.57 4.50
N MET A 82 -9.81 12.56 3.72
CA MET A 82 -8.42 12.26 3.37
C MET A 82 -7.75 13.39 2.58
N ARG A 83 -6.59 13.85 3.05
CA ARG A 83 -5.81 14.85 2.30
C ARG A 83 -4.46 14.25 1.85
N LYS A 84 -4.53 13.36 0.85
CA LYS A 84 -3.38 12.60 0.36
C LYS A 84 -2.15 13.45 -0.01
N GLU A 85 -2.39 14.60 -0.66
CA GLU A 85 -1.32 15.48 -1.12
C GLU A 85 -0.46 15.93 0.05
N VAL A 86 -1.11 16.31 1.15
CA VAL A 86 -0.38 16.66 2.36
C VAL A 86 0.45 15.47 2.85
N TYR A 87 -0.18 14.31 3.05
CA TYR A 87 0.54 13.14 3.60
C TYR A 87 1.77 12.79 2.78
N GLN A 88 1.63 12.91 1.46
CA GLN A 88 2.73 12.66 0.54
C GLN A 88 3.93 13.59 0.77
N GLN A 89 3.67 14.87 0.99
CA GLN A 89 4.76 15.82 1.21
C GLN A 89 5.45 15.57 2.57
N VAL A 90 4.66 15.22 3.59
CA VAL A 90 5.25 14.87 4.88
C VAL A 90 6.06 13.59 4.73
N SER A 91 5.49 12.60 4.03
CA SER A 91 6.21 11.36 3.79
C SER A 91 7.58 11.58 3.15
N SER A 92 7.63 12.31 2.04
CA SER A 92 8.92 12.44 1.36
C SER A 92 9.99 13.18 2.19
N ARG A 93 9.57 14.11 3.04
CA ARG A 93 10.50 14.70 4.01
C ARG A 93 11.06 13.65 4.95
N ILE A 94 10.22 12.74 5.40
CA ILE A 94 10.72 11.69 6.31
C ILE A 94 11.67 10.75 5.57
N MET A 95 11.31 10.39 4.33
CA MET A 95 12.19 9.57 3.49
C MET A 95 13.55 10.26 3.33
N ASN A 96 13.55 11.59 3.14
CA ASN A 96 14.82 12.33 3.01
C ASN A 96 15.76 12.21 4.22
N LEU A 97 15.20 12.28 5.42
CA LEU A 97 15.99 12.04 6.63
C LEU A 97 16.56 10.62 6.65
N LEU A 98 15.77 9.64 6.21
CA LEU A 98 16.23 8.24 6.22
C LEU A 98 17.41 8.05 5.26
N ARG A 99 17.40 8.80 4.17
CA ARG A 99 18.51 8.78 3.21
C ARG A 99 19.85 9.16 3.85
N GLU A 100 19.80 9.84 5.00
CA GLU A 100 21.01 10.28 5.69
C GLU A 100 21.65 9.14 6.47
N TYR A 101 20.98 8.00 6.52
CA TYR A 101 21.46 6.86 7.29
C TYR A 101 21.94 5.72 6.38
N SER A 102 21.55 5.78 5.10
CA SER A 102 22.09 4.91 4.06
C SER A 102 21.70 5.42 2.69
N GLU A 103 22.53 5.11 1.70
CA GLU A 103 22.22 5.45 0.31
C GLU A 103 21.37 4.32 -0.29
N LYS A 104 21.49 3.14 0.30
CA LYS A 104 20.69 1.99 -0.11
C LYS A 104 19.34 2.01 0.61
N ILE A 105 18.39 2.66 -0.06
CA ILE A 105 17.05 2.85 0.47
C ILE A 105 16.01 2.42 -0.58
N GLU A 106 15.05 1.63 -0.12
CA GLU A 106 13.91 1.25 -0.94
C GLU A 106 12.65 1.87 -0.35
N ILE A 107 12.09 2.81 -1.09
CA ILE A 107 10.85 3.46 -0.67
C ILE A 107 9.66 2.65 -1.18
N ALA A 108 9.11 1.79 -0.32
CA ALA A 108 8.14 0.79 -0.76
C ALA A 108 6.70 1.31 -0.88
N SER A 109 6.38 2.35 -0.11
CA SER A 109 5.06 2.98 -0.17
C SER A 109 5.11 4.37 0.47
N ILE A 110 3.94 5.00 0.60
CA ILE A 110 3.85 6.31 1.20
C ILE A 110 4.36 6.30 2.67
N ASP A 111 4.50 5.14 3.30
CA ASP A 111 4.92 5.15 4.69
C ASP A 111 5.80 3.97 5.13
N GLU A 112 6.45 3.33 4.17
CA GLU A 112 7.32 2.17 4.42
C GLU A 112 8.63 2.44 3.73
N ALA A 113 9.74 2.17 4.40
CA ALA A 113 11.02 2.14 3.70
C ALA A 113 11.96 1.10 4.28
N TYR A 114 12.76 0.49 3.40
CA TYR A 114 13.82 -0.38 3.87
C TYR A 114 15.17 0.29 3.67
N LEU A 115 16.05 0.11 4.65
CA LEU A 115 17.43 0.57 4.55
C LEU A 115 18.38 -0.61 4.63
N ASP A 116 19.38 -0.61 3.77
CA ASP A 116 20.51 -1.52 3.93
C ASP A 116 21.51 -0.85 4.88
N ILE A 117 21.61 -1.33 6.12
CA ILE A 117 22.58 -0.78 7.08
C ILE A 117 23.71 -1.75 7.38
N SER A 118 23.98 -2.65 6.43
CA SER A 118 25.05 -3.63 6.54
C SER A 118 26.42 -2.99 6.80
N ASP A 119 26.63 -1.82 6.17
CA ASP A 119 27.93 -1.14 6.19
C ASP A 119 28.06 -0.07 7.26
N LYS A 120 26.93 0.50 7.69
CA LYS A 120 26.97 1.55 8.71
C LYS A 120 26.98 0.94 10.11
N VAL A 121 26.89 -0.39 10.17
CA VAL A 121 26.69 -1.06 11.45
C VAL A 121 27.32 -2.46 11.47
N ARG A 122 27.77 -2.89 12.65
CA ARG A 122 28.48 -4.16 12.78
C ARG A 122 27.58 -5.33 13.14
N ASP A 123 26.57 -5.08 13.98
CA ASP A 123 25.73 -6.16 14.49
C ASP A 123 24.33 -5.71 14.91
N TYR A 124 23.55 -6.61 15.49
CA TYR A 124 22.17 -6.29 15.86
C TYR A 124 22.07 -5.30 17.02
N ARG A 125 23.06 -5.30 17.90
CA ARG A 125 23.11 -4.34 19.00
C ARG A 125 23.27 -2.91 18.47
N GLU A 126 24.19 -2.73 17.52
CA GLU A 126 24.44 -1.46 16.89
C GLU A 126 23.29 -1.04 15.98
N ALA A 127 22.66 -2.03 15.33
CA ALA A 127 21.48 -1.77 14.50
C ALA A 127 20.30 -1.30 15.35
N TYR A 128 20.06 -1.99 16.47
CA TYR A 128 19.03 -1.61 17.43
C TYR A 128 19.24 -0.17 17.95
N ASN A 129 20.50 0.26 18.03
CA ASN A 129 20.81 1.63 18.48
C ASN A 129 20.61 2.63 17.37
N LEU A 130 20.92 2.22 16.15
CA LEU A 130 20.69 3.06 14.98
C LEU A 130 19.19 3.26 14.76
N GLY A 131 18.40 2.25 15.11
CA GLY A 131 16.95 2.36 15.05
C GLY A 131 16.45 3.40 16.02
N LEU A 132 16.97 3.35 17.25
CA LEU A 132 16.62 4.37 18.22
C LEU A 132 17.03 5.77 17.76
N GLU A 133 18.24 5.91 17.19
CA GLU A 133 18.66 7.20 16.61
C GLU A 133 17.63 7.68 15.59
N ILE A 134 17.26 6.76 14.69
CA ILE A 134 16.32 7.05 13.60
C ILE A 134 14.92 7.41 14.11
N LYS A 135 14.36 6.58 14.98
CA LYS A 135 13.07 6.91 15.60
C LYS A 135 13.13 8.31 16.18
N ASN A 136 14.08 8.54 17.09
CA ASN A 136 14.21 9.85 17.73
C ASN A 136 14.35 11.00 16.74
N LYS A 137 15.17 10.83 15.71
CA LYS A 137 15.36 11.88 14.71
C LYS A 137 14.04 12.29 14.05
N ILE A 138 13.21 11.31 13.72
CA ILE A 138 11.93 11.57 13.04
C ILE A 138 10.91 12.19 14.01
N LEU A 139 10.91 11.70 15.24
CA LEU A 139 10.07 12.28 16.27
C LEU A 139 10.44 13.76 16.52
N GLU A 140 11.74 14.06 16.57
CA GLU A 140 12.18 15.46 16.77
C GLU A 140 11.85 16.37 15.59
N LYS A 141 12.13 15.92 14.37
CA LYS A 141 12.02 16.79 13.20
C LYS A 141 10.63 16.93 12.61
N GLU A 142 9.82 15.88 12.69
CA GLU A 142 8.49 15.95 12.08
C GLU A 142 7.36 15.57 13.06
N LYS A 143 7.75 15.16 14.27
CA LYS A 143 6.79 14.78 15.31
C LYS A 143 5.96 13.54 14.93
N ILE A 144 6.60 12.63 14.18
CA ILE A 144 5.94 11.37 13.83
C ILE A 144 6.61 10.16 14.49
N THR A 145 5.80 9.38 15.21
CA THR A 145 6.24 8.09 15.74
C THR A 145 6.19 7.04 14.63
N VAL A 146 7.20 6.17 14.64
CA VAL A 146 7.32 5.10 13.65
C VAL A 146 7.67 3.78 14.35
N THR A 147 7.49 2.67 13.65
CA THR A 147 7.95 1.39 14.17
C THR A 147 9.13 0.92 13.32
N VAL A 148 10.15 0.40 13.99
CA VAL A 148 11.33 -0.07 13.28
C VAL A 148 11.42 -1.59 13.43
N GLY A 149 11.68 -2.29 12.30
CA GLY A 149 11.95 -3.72 12.32
C GLY A 149 13.34 -4.01 11.76
N ILE A 150 14.08 -4.89 12.44
CA ILE A 150 15.44 -5.23 12.00
C ILE A 150 15.66 -6.74 11.90
N SER A 151 16.28 -7.17 10.80
CA SER A 151 16.54 -8.59 10.55
C SER A 151 17.53 -8.75 9.41
N LYS A 152 17.64 -9.97 8.88
CA LYS A 152 18.66 -10.25 7.85
C LYS A 152 18.17 -10.07 6.41
N ASN A 153 16.86 -9.86 6.24
CA ASN A 153 16.30 -9.57 4.93
C ASN A 153 15.07 -8.66 5.07
N LYS A 154 14.53 -8.23 3.93
CA LYS A 154 13.40 -7.32 3.94
C LYS A 154 12.15 -7.91 4.62
N VAL A 155 11.80 -9.16 4.24
CA VAL A 155 10.58 -9.78 4.72
C VAL A 155 10.59 -9.90 6.24
N PHE A 156 11.72 -10.29 6.80
CA PHE A 156 11.79 -10.44 8.25
C PHE A 156 11.93 -9.12 9.03
N ALA A 157 12.50 -8.10 8.38
CA ALA A 157 12.50 -6.76 8.95
C ALA A 157 11.05 -6.25 9.04
N LYS A 158 10.28 -6.50 7.98
CA LYS A 158 8.88 -6.10 7.92
C LYS A 158 8.06 -6.80 9.00
N ILE A 159 8.20 -8.14 9.07
CA ILE A 159 7.49 -8.92 10.09
C ILE A 159 7.85 -8.39 11.48
N ALA A 160 9.13 -8.06 11.68
CA ALA A 160 9.59 -7.48 12.95
C ALA A 160 8.78 -6.21 13.31
N ALA A 161 8.67 -5.29 12.36
CA ALA A 161 7.86 -4.09 12.56
C ALA A 161 6.39 -4.43 12.90
N ASP A 162 5.79 -5.37 12.16
CA ASP A 162 4.42 -5.77 12.45
C ASP A 162 4.27 -6.26 13.89
N MET A 163 5.28 -6.95 14.39
CA MET A 163 5.21 -7.44 15.75
C MET A 163 5.34 -6.31 16.80
N ALA A 164 6.14 -5.30 16.49
CA ALA A 164 6.45 -4.25 17.47
C ALA A 164 5.48 -3.06 17.49
N LYS A 165 4.55 -3.00 16.54
CA LYS A 165 3.77 -1.75 16.34
C LYS A 165 2.58 -1.62 17.30
N PRO A 166 2.24 -0.39 17.68
CA PRO A 166 2.85 0.87 17.21
C PRO A 166 4.05 1.35 18.06
N ASN A 167 4.70 2.41 17.61
CA ASN A 167 5.83 3.04 18.32
C ASN A 167 6.92 2.07 18.77
N GLY A 168 7.20 1.04 17.97
CA GLY A 168 8.05 -0.03 18.42
C GLY A 168 9.40 -0.10 17.74
N ILE A 169 10.20 -1.06 18.22
CA ILE A 169 11.45 -1.47 17.59
C ILE A 169 11.69 -2.93 17.98
N LYS A 170 12.10 -3.74 17.02
CA LYS A 170 12.19 -5.18 17.23
C LYS A 170 13.30 -5.73 16.36
N VAL A 171 14.05 -6.67 16.92
CA VAL A 171 15.06 -7.37 16.16
C VAL A 171 14.67 -8.84 16.05
N ILE A 172 14.67 -9.36 14.83
CA ILE A 172 14.57 -10.80 14.64
C ILE A 172 15.95 -11.26 14.12
N ASP A 173 16.73 -11.87 15.01
CA ASP A 173 18.15 -12.12 14.70
C ASP A 173 18.37 -13.19 13.62
N ASP A 174 18.71 -14.40 14.06
CA ASP A 174 18.84 -15.54 13.15
C ASP A 174 18.26 -16.74 13.88
N GLU A 175 18.41 -16.72 15.21
CA GLU A 175 17.75 -17.65 16.11
C GLU A 175 16.25 -17.56 15.97
N GLU A 176 15.71 -16.33 15.97
CA GLU A 176 14.27 -16.17 15.95
C GLU A 176 13.71 -16.38 14.54
N VAL A 177 14.52 -16.07 13.54
CA VAL A 177 14.16 -16.31 12.15
C VAL A 177 13.82 -17.78 11.95
N LYS A 178 14.69 -18.65 12.45
CA LYS A 178 14.50 -20.10 12.37
C LYS A 178 13.26 -20.56 13.18
N ARG A 179 13.01 -19.95 14.33
CA ARG A 179 11.81 -20.25 15.11
C ARG A 179 10.53 -19.87 14.35
N LEU A 180 10.54 -18.70 13.71
CA LEU A 180 9.39 -18.16 12.98
C LEU A 180 8.99 -18.99 11.74
N ILE A 181 9.98 -19.59 11.09
CA ILE A 181 9.73 -20.46 9.94
C ILE A 181 8.86 -21.64 10.35
N ARG A 182 9.05 -22.10 11.57
CA ARG A 182 8.24 -23.19 12.11
C ARG A 182 6.96 -22.64 12.71
N GLU A 183 7.03 -21.47 13.35
CA GLU A 183 5.89 -21.01 14.15
C GLU A 183 4.98 -19.94 13.54
N LEU A 184 5.50 -19.07 12.68
CA LEU A 184 4.70 -17.95 12.19
C LEU A 184 3.57 -18.45 11.30
N ASP A 185 2.34 -18.02 11.63
CA ASP A 185 1.21 -18.24 10.75
C ASP A 185 1.55 -17.67 9.39
N ILE A 186 1.26 -18.44 8.34
CA ILE A 186 1.80 -18.11 7.03
C ILE A 186 1.07 -16.90 6.42
N ALA A 187 -0.12 -16.60 6.91
CA ALA A 187 -0.85 -15.43 6.48
C ALA A 187 -0.18 -14.15 6.97
N ASP A 188 0.60 -14.24 8.04
CA ASP A 188 1.32 -13.06 8.49
C ASP A 188 2.60 -12.81 7.67
N VAL A 189 2.88 -13.68 6.71
CA VAL A 189 3.95 -13.40 5.74
C VAL A 189 3.50 -12.32 4.74
N PRO A 190 4.29 -11.24 4.59
CA PRO A 190 3.94 -10.19 3.62
C PRO A 190 3.84 -10.77 2.22
N GLY A 191 2.82 -10.37 1.46
CA GLY A 191 2.59 -10.91 0.14
C GLY A 191 1.55 -12.02 0.16
N ILE A 192 1.23 -12.51 1.36
CA ILE A 192 0.15 -13.48 1.51
C ILE A 192 -1.08 -12.73 2.00
N GLY A 193 -1.99 -12.41 1.08
CA GLY A 193 -3.23 -11.75 1.46
C GLY A 193 -4.26 -12.82 1.77
N ASN A 194 -5.54 -12.45 1.81
CA ASN A 194 -6.60 -13.41 2.13
C ASN A 194 -6.73 -14.54 1.13
N ILE A 195 -6.59 -14.21 -0.16
CA ILE A 195 -6.84 -15.18 -1.21
C ILE A 195 -5.77 -16.24 -1.24
N THR A 196 -4.52 -15.82 -1.05
CA THR A 196 -3.40 -16.75 -1.04
C THR A 196 -3.36 -17.56 0.26
N ALA A 197 -3.70 -16.92 1.38
CA ALA A 197 -3.76 -17.60 2.67
C ALA A 197 -4.69 -18.81 2.62
N GLU A 198 -5.76 -18.67 1.84
CA GLU A 198 -6.79 -19.69 1.74
C GLU A 198 -6.42 -20.82 0.77
N LYS A 199 -5.77 -20.48 -0.34
CA LYS A 199 -5.20 -21.48 -1.23
C LYS A 199 -4.14 -22.31 -0.52
N LEU A 200 -3.39 -21.68 0.38
CA LEU A 200 -2.34 -22.41 1.08
C LEU A 200 -2.91 -23.34 2.14
N LYS A 201 -4.03 -22.95 2.76
CA LYS A 201 -4.72 -23.83 3.71
C LYS A 201 -5.15 -25.16 3.07
N LYS A 202 -5.68 -25.05 1.86
CA LYS A 202 -6.12 -26.21 1.07
C LYS A 202 -5.00 -27.20 0.78
N LEU A 203 -3.77 -26.71 0.74
CA LEU A 203 -2.60 -27.56 0.51
C LEU A 203 -2.05 -28.01 1.88
N GLY A 204 -2.72 -27.57 2.93
CA GLY A 204 -2.25 -27.82 4.29
C GLY A 204 -0.91 -27.18 4.58
N ILE A 205 -0.73 -25.97 4.07
CA ILE A 205 0.44 -25.16 4.37
C ILE A 205 0.01 -24.06 5.35
N ASN A 206 0.27 -24.25 6.65
CA ASN A 206 -0.16 -23.26 7.65
C ASN A 206 0.97 -22.38 8.20
N LYS A 207 2.21 -22.83 8.03
CA LYS A 207 3.38 -22.03 8.35
C LYS A 207 4.40 -22.23 7.25
N LEU A 208 5.42 -21.38 7.24
CA LEU A 208 6.43 -21.41 6.18
C LEU A 208 7.04 -22.79 6.01
N VAL A 209 7.34 -23.46 7.13
CA VAL A 209 8.01 -24.76 7.07
C VAL A 209 7.27 -25.76 6.18
N ASP A 210 5.93 -25.71 6.19
CA ASP A 210 5.13 -26.59 5.34
C ASP A 210 5.43 -26.55 3.83
N THR A 211 5.94 -25.42 3.33
CA THR A 211 6.17 -25.26 1.89
C THR A 211 7.26 -26.19 1.35
N LEU A 212 8.09 -26.70 2.24
CA LEU A 212 9.16 -27.61 1.85
C LEU A 212 8.65 -29.06 1.78
N SER A 213 7.54 -29.34 2.44
CA SER A 213 7.04 -30.72 2.56
C SER A 213 6.16 -31.09 1.38
N ILE A 214 6.13 -30.22 0.39
CA ILE A 214 5.19 -30.33 -0.71
C ILE A 214 5.90 -30.17 -2.05
N GLU A 215 5.55 -30.98 -3.04
CA GLU A 215 6.23 -30.92 -4.33
C GLU A 215 5.97 -29.57 -5.02
N PHE A 216 7.05 -29.00 -5.51
CA PHE A 216 7.02 -27.66 -6.12
C PHE A 216 5.94 -27.46 -7.19
N ASP A 217 5.86 -28.38 -8.14
CA ASP A 217 4.88 -28.26 -9.24
C ASP A 217 3.44 -28.16 -8.75
N LYS A 218 3.12 -28.86 -7.67
CA LYS A 218 1.83 -28.71 -7.04
C LYS A 218 1.69 -27.26 -6.55
N LEU A 219 2.66 -26.83 -5.74
CA LEU A 219 2.64 -25.49 -5.14
C LEU A 219 2.49 -24.37 -6.18
N LYS A 220 3.30 -24.39 -7.23
CA LYS A 220 3.15 -23.38 -8.27
C LYS A 220 1.85 -23.58 -9.07
N GLY A 221 1.34 -24.81 -9.08
CA GLY A 221 0.05 -25.06 -9.68
C GLY A 221 -1.01 -24.21 -8.98
N MET A 222 -0.92 -24.15 -7.65
CA MET A 222 -1.87 -23.41 -6.86
C MET A 222 -1.63 -21.88 -6.85
N ILE A 223 -0.44 -21.45 -6.43
CA ILE A 223 -0.24 -20.03 -6.17
C ILE A 223 0.61 -19.29 -7.19
N GLY A 224 1.02 -19.99 -8.26
CA GLY A 224 1.87 -19.39 -9.28
C GLY A 224 3.34 -19.56 -8.93
N GLU A 225 4.19 -19.50 -9.96
CA GLU A 225 5.61 -19.79 -9.80
C GLU A 225 6.35 -18.80 -8.90
N ALA A 226 6.09 -17.51 -9.08
CA ALA A 226 6.83 -16.48 -8.35
C ALA A 226 6.58 -16.61 -6.86
N LYS A 227 5.30 -16.70 -6.48
CA LYS A 227 4.98 -16.79 -5.06
C LYS A 227 5.49 -18.10 -4.45
N ALA A 228 5.55 -19.14 -5.28
CA ALA A 228 6.07 -20.43 -4.85
C ALA A 228 7.56 -20.35 -4.51
N LYS A 229 8.36 -19.83 -5.44
CA LYS A 229 9.80 -19.69 -5.23
C LYS A 229 10.09 -18.76 -4.06
N TYR A 230 9.25 -17.73 -3.91
CA TYR A 230 9.30 -16.78 -2.79
C TYR A 230 9.14 -17.48 -1.43
N LEU A 231 8.04 -18.20 -1.27
CA LEU A 231 7.81 -18.91 -0.01
C LEU A 231 8.87 -19.99 0.27
N ILE A 232 9.35 -20.65 -0.78
CA ILE A 232 10.35 -21.70 -0.60
C ILE A 232 11.68 -21.12 -0.06
N SER A 233 12.21 -20.09 -0.71
CA SER A 233 13.47 -19.46 -0.25
C SER A 233 13.36 -18.96 1.19
N LEU A 234 12.22 -18.39 1.54
CA LEU A 234 11.99 -17.94 2.90
C LEU A 234 12.07 -19.11 3.88
N ALA A 235 11.36 -20.20 3.57
CA ALA A 235 11.31 -21.35 4.47
C ALA A 235 12.67 -22.00 4.59
N ARG A 236 13.47 -21.84 3.53
CA ARG A 236 14.81 -22.39 3.41
C ARG A 236 15.88 -21.50 4.04
N ASP A 237 15.45 -20.40 4.67
CA ASP A 237 16.33 -19.35 5.21
C ASP A 237 17.35 -18.83 4.18
N GLU A 238 16.91 -18.66 2.94
CA GLU A 238 17.78 -18.10 1.93
C GLU A 238 17.12 -17.04 1.05
N TYR A 239 16.10 -16.36 1.57
CA TYR A 239 15.56 -15.18 0.89
C TYR A 239 16.58 -14.04 1.10
N ASN A 240 16.92 -13.33 0.03
CA ASN A 240 17.99 -12.35 0.13
C ASN A 240 17.89 -11.25 -0.90
N GLU A 241 16.68 -10.76 -1.13
CA GLU A 241 16.48 -9.77 -2.17
C GLU A 241 17.15 -8.46 -1.78
N PRO A 242 17.74 -7.78 -2.76
CA PRO A 242 18.46 -6.53 -2.53
C PRO A 242 17.50 -5.37 -2.24
N ILE A 243 17.96 -4.39 -1.46
CA ILE A 243 17.23 -3.14 -1.29
C ILE A 243 17.44 -2.37 -2.60
N ARG A 244 16.34 -2.00 -3.25
CA ARG A 244 16.41 -1.44 -4.60
C ARG A 244 15.62 -0.14 -4.69
N THR A 245 16.23 0.86 -5.32
CA THR A 245 15.57 2.15 -5.46
C THR A 245 14.40 2.01 -6.43
N ARG A 246 13.18 2.28 -5.97
CA ARG A 246 12.02 2.09 -6.85
C ARG A 246 11.58 3.36 -7.58
N VAL A 247 11.10 3.18 -8.81
CA VAL A 247 10.66 4.30 -9.65
C VAL A 247 9.20 4.16 -10.06
N ARG A 248 8.47 5.28 -10.05
CA ARG A 248 7.07 5.30 -10.51
C ARG A 248 6.98 4.79 -11.96
N LYS A 249 6.07 3.85 -12.17
CA LYS A 249 5.86 3.28 -13.49
C LYS A 249 4.49 3.68 -14.05
N SER A 250 3.60 4.14 -13.18
CA SER A 250 2.24 4.46 -13.59
C SER A 250 1.55 5.47 -12.67
N ILE A 251 0.84 6.41 -13.30
CA ILE A 251 0.08 7.46 -12.63
C ILE A 251 -1.36 7.38 -13.09
N GLY A 252 -2.30 7.50 -12.16
CA GLY A 252 -3.70 7.30 -12.50
C GLY A 252 -4.65 7.81 -11.44
N ARG A 253 -5.94 7.72 -11.71
CA ARG A 253 -6.93 8.32 -10.83
C ARG A 253 -8.30 7.75 -11.13
N ILE A 254 -9.00 7.30 -10.08
CA ILE A 254 -10.32 6.70 -10.25
C ILE A 254 -11.30 7.36 -9.30
N VAL A 255 -12.46 7.77 -9.81
CA VAL A 255 -13.44 8.46 -9.00
C VAL A 255 -14.72 7.66 -8.93
N THR A 256 -15.50 7.88 -7.87
CA THR A 256 -16.79 7.20 -7.72
C THR A 256 -17.89 8.10 -8.27
N MET A 257 -18.81 7.50 -9.02
CA MET A 257 -19.93 8.25 -9.59
C MET A 257 -21.04 8.41 -8.55
N LYS A 258 -21.82 9.49 -8.69
CA LYS A 258 -22.91 9.73 -7.76
C LYS A 258 -23.96 8.65 -7.87
N ARG A 259 -24.17 8.13 -9.09
CA ARG A 259 -25.08 7.01 -9.28
C ARG A 259 -24.44 5.99 -10.22
N ASN A 260 -24.79 4.72 -10.08
CA ASN A 260 -24.32 3.69 -11.01
C ASN A 260 -24.98 3.90 -12.37
N SER A 261 -24.18 3.91 -13.42
CA SER A 261 -24.68 4.25 -14.75
C SER A 261 -24.08 3.45 -15.88
N ARG A 262 -24.71 3.56 -17.04
CA ARG A 262 -24.26 2.86 -18.23
C ARG A 262 -24.27 3.82 -19.39
N ASN A 263 -24.78 5.02 -19.16
CA ASN A 263 -24.83 6.01 -20.22
C ASN A 263 -23.49 6.73 -20.44
N LEU A 264 -22.98 6.66 -21.67
CA LEU A 264 -21.72 7.31 -22.04
C LEU A 264 -21.58 8.76 -21.56
N GLU A 265 -22.62 9.57 -21.76
CA GLU A 265 -22.55 10.99 -21.45
C GLU A 265 -22.70 11.30 -19.95
N GLU A 266 -23.21 10.33 -19.19
CA GLU A 266 -23.28 10.41 -17.72
C GLU A 266 -21.90 10.15 -17.10
N ILE A 267 -21.12 9.31 -17.76
CA ILE A 267 -19.87 8.82 -17.21
C ILE A 267 -18.69 9.70 -17.61
N LYS A 268 -18.76 10.25 -18.82
CA LYS A 268 -17.69 11.08 -19.41
C LYS A 268 -17.10 12.18 -18.51
N PRO A 269 -17.95 13.02 -17.88
CA PRO A 269 -17.36 14.10 -17.07
C PRO A 269 -16.49 13.56 -15.91
N TYR A 270 -16.89 12.42 -15.36
CA TYR A 270 -16.11 11.76 -14.33
C TYR A 270 -14.80 11.26 -14.93
N LEU A 271 -14.89 10.65 -16.10
CA LEU A 271 -13.72 10.12 -16.81
C LEU A 271 -12.76 11.25 -17.16
N PHE A 272 -13.30 12.35 -17.68
CA PHE A 272 -12.48 13.50 -18.05
C PHE A 272 -11.82 14.14 -16.84
N ARG A 273 -12.54 14.24 -15.72
CA ARG A 273 -11.95 14.75 -14.48
C ARG A 273 -10.75 13.89 -14.05
N ALA A 274 -10.91 12.57 -14.14
CA ALA A 274 -9.85 11.63 -13.79
C ALA A 274 -8.62 11.89 -14.67
N ILE A 275 -8.85 12.14 -15.96
CA ILE A 275 -7.76 12.41 -16.89
C ILE A 275 -7.04 13.72 -16.54
N GLU A 276 -7.84 14.74 -16.25
CA GLU A 276 -7.30 16.04 -15.87
C GLU A 276 -6.37 15.95 -14.64
N GLU A 277 -6.81 15.28 -13.58
CA GLU A 277 -5.98 15.15 -12.40
C GLU A 277 -4.79 14.24 -12.69
N SER A 278 -5.01 13.23 -13.52
CA SER A 278 -3.92 12.34 -13.88
C SER A 278 -2.82 13.08 -14.63
N TYR A 279 -3.19 13.97 -15.55
CA TYR A 279 -2.18 14.77 -16.26
C TYR A 279 -1.43 15.75 -15.38
N TYR A 280 -2.13 16.36 -14.43
CA TYR A 280 -1.46 17.24 -13.48
C TYR A 280 -0.44 16.43 -12.67
N LYS A 281 -0.87 15.29 -12.13
CA LYS A 281 0.04 14.38 -11.44
C LYS A 281 1.23 13.98 -12.33
N LEU A 282 0.99 13.81 -13.64
CA LEU A 282 2.07 13.39 -14.55
C LEU A 282 3.28 14.34 -14.61
N ASP A 283 3.02 15.65 -14.47
CA ASP A 283 4.07 16.68 -14.42
C ASP A 283 5.32 16.43 -15.29
N LYS A 284 5.21 16.74 -16.57
CA LYS A 284 6.33 16.57 -17.52
C LYS A 284 6.70 15.12 -17.83
N ARG A 285 5.96 14.15 -17.28
CA ARG A 285 6.09 12.77 -17.71
C ARG A 285 5.15 12.47 -18.87
N ILE A 286 5.68 11.80 -19.89
CA ILE A 286 4.90 11.50 -21.08
C ILE A 286 4.69 10.00 -21.19
N PRO A 287 3.42 9.57 -21.12
CA PRO A 287 3.16 8.12 -21.17
C PRO A 287 2.85 7.64 -22.58
N LYS A 288 3.29 6.42 -22.91
CA LYS A 288 2.92 5.79 -24.16
C LYS A 288 1.67 4.89 -24.03
N ALA A 289 1.20 4.67 -22.80
CA ALA A 289 0.07 3.75 -22.58
C ALA A 289 -1.03 4.33 -21.68
N ILE A 290 -2.27 4.03 -22.05
CA ILE A 290 -3.41 4.51 -21.31
C ILE A 290 -4.37 3.34 -21.05
N HIS A 291 -4.93 3.29 -19.86
CA HIS A 291 -5.91 2.25 -19.54
C HIS A 291 -7.10 2.91 -18.92
N VAL A 292 -8.30 2.56 -19.39
CA VAL A 292 -9.49 3.03 -18.74
C VAL A 292 -9.92 1.92 -17.77
N VAL A 293 -10.08 2.29 -16.50
CA VAL A 293 -10.48 1.32 -15.49
C VAL A 293 -11.88 1.61 -14.94
N ALA A 294 -12.71 0.58 -14.94
CA ALA A 294 -14.07 0.70 -14.44
C ALA A 294 -14.31 -0.25 -13.26
N VAL A 295 -14.95 0.25 -12.21
CA VAL A 295 -15.47 -0.63 -11.17
C VAL A 295 -16.97 -0.79 -11.41
N THR A 296 -17.40 -2.02 -11.72
CA THR A 296 -18.82 -2.29 -11.96
C THR A 296 -19.64 -2.28 -10.66
N GLU A 297 -20.96 -2.37 -10.78
CA GLU A 297 -21.85 -2.35 -9.62
C GLU A 297 -21.62 -3.49 -8.61
N ASP A 298 -21.06 -4.62 -9.06
CA ASP A 298 -20.80 -5.74 -8.15
C ASP A 298 -19.36 -5.73 -7.64
N LEU A 299 -18.81 -4.53 -7.48
CA LEU A 299 -17.42 -4.32 -7.04
C LEU A 299 -16.33 -5.04 -7.88
N ASP A 300 -16.66 -5.40 -9.11
CA ASP A 300 -15.68 -6.04 -10.01
C ASP A 300 -14.92 -5.00 -10.86
N ILE A 301 -13.67 -5.31 -11.19
CA ILE A 301 -12.79 -4.33 -11.87
C ILE A 301 -12.43 -4.71 -13.32
N VAL A 302 -13.02 -3.97 -14.27
CA VAL A 302 -12.82 -4.17 -15.70
C VAL A 302 -11.92 -3.06 -16.27
N SER A 303 -11.13 -3.36 -17.28
CA SER A 303 -10.30 -2.34 -17.89
C SER A 303 -9.97 -2.64 -19.36
N ARG A 304 -9.67 -1.58 -20.12
CA ARG A 304 -9.34 -1.68 -21.54
C ARG A 304 -8.25 -0.66 -21.82
N GLY A 305 -7.19 -1.07 -22.50
CA GLY A 305 -6.04 -0.21 -22.68
C GLY A 305 -5.45 -0.25 -24.07
N ARG A 306 -4.51 0.66 -24.32
CA ARG A 306 -3.85 0.81 -25.60
C ARG A 306 -2.45 1.40 -25.41
N THR A 307 -1.45 0.75 -26.00
CA THR A 307 -0.09 1.26 -25.98
C THR A 307 0.20 1.92 -27.33
N PHE A 308 0.78 3.13 -27.31
CA PHE A 308 1.09 3.85 -28.55
C PHE A 308 2.58 3.79 -28.89
N PRO A 309 2.93 3.95 -30.18
CA PRO A 309 4.36 4.05 -30.55
C PRO A 309 4.99 5.32 -30.03
N HIS A 310 4.16 6.27 -29.58
CA HIS A 310 4.64 7.59 -29.18
C HIS A 310 4.00 8.02 -27.86
N GLY A 311 4.37 9.20 -27.36
CA GLY A 311 3.73 9.73 -26.17
C GLY A 311 2.30 10.17 -26.45
N ILE A 312 1.49 10.21 -25.41
CA ILE A 312 0.07 10.53 -25.55
C ILE A 312 -0.16 11.97 -25.10
N SER A 313 -0.70 12.79 -26.01
CA SER A 313 -1.05 14.17 -25.70
C SER A 313 -2.38 14.16 -24.97
N LYS A 314 -2.72 15.26 -24.30
CA LYS A 314 -3.97 15.31 -23.55
C LYS A 314 -5.20 15.09 -24.45
N GLU A 315 -5.17 15.70 -25.64
CA GLU A 315 -6.21 15.54 -26.64
C GLU A 315 -6.41 14.07 -27.01
N THR A 316 -5.30 13.37 -27.19
CA THR A 316 -5.32 11.97 -27.56
C THR A 316 -5.85 11.13 -26.41
N ALA A 317 -5.46 11.46 -25.18
CA ALA A 317 -5.99 10.79 -23.98
C ALA A 317 -7.51 10.93 -23.92
N TYR A 318 -8.00 12.17 -24.06
CA TYR A 318 -9.43 12.42 -24.12
C TYR A 318 -10.13 11.58 -25.19
N SER A 319 -9.59 11.62 -26.41
CA SER A 319 -10.20 10.90 -27.50
C SER A 319 -10.14 9.39 -27.28
N GLU A 320 -8.95 8.87 -26.97
CA GLU A 320 -8.77 7.44 -26.77
C GLU A 320 -9.62 6.88 -25.61
N SER A 321 -9.67 7.62 -24.50
CA SER A 321 -10.39 7.16 -23.31
C SER A 321 -11.87 6.83 -23.59
N VAL A 322 -12.54 7.73 -24.31
CA VAL A 322 -13.90 7.50 -24.77
C VAL A 322 -14.02 6.20 -25.58
N LYS A 323 -13.06 5.93 -26.47
CA LYS A 323 -13.09 4.68 -27.22
C LYS A 323 -13.01 3.44 -26.29
N LEU A 324 -12.04 3.44 -25.38
CA LEU A 324 -11.85 2.39 -24.39
C LEU A 324 -13.04 2.22 -23.42
N LEU A 325 -13.60 3.33 -22.95
CA LEU A 325 -14.87 3.26 -22.22
C LEU A 325 -16.01 2.62 -23.04
N GLN A 326 -16.08 2.97 -24.33
CA GLN A 326 -17.06 2.36 -25.22
C GLN A 326 -16.82 0.85 -25.39
N LYS A 327 -15.56 0.46 -25.52
CA LYS A 327 -15.23 -0.97 -25.51
C LYS A 327 -15.77 -1.64 -24.23
N ILE A 328 -15.55 -1.01 -23.07
CA ILE A 328 -16.08 -1.52 -21.80
C ILE A 328 -17.60 -1.72 -21.81
N LEU A 329 -18.37 -0.67 -22.12
CA LEU A 329 -19.83 -0.76 -22.21
C LEU A 329 -20.34 -1.77 -23.28
N GLU A 330 -19.61 -1.95 -24.38
CA GLU A 330 -19.99 -2.95 -25.39
C GLU A 330 -19.83 -4.38 -24.83
N GLU A 331 -18.69 -4.61 -24.15
CA GLU A 331 -18.27 -5.93 -23.68
C GLU A 331 -18.89 -6.43 -22.36
N ASP A 332 -19.28 -5.49 -21.50
CA ASP A 332 -19.74 -5.82 -20.14
C ASP A 332 -21.13 -5.24 -19.91
N GLU A 333 -22.09 -6.11 -19.61
CA GLU A 333 -23.48 -5.69 -19.51
C GLU A 333 -23.80 -4.86 -18.27
N ARG A 334 -22.90 -4.86 -17.30
CA ARG A 334 -23.20 -4.27 -15.99
C ARG A 334 -23.07 -2.74 -15.92
N LYS A 335 -23.66 -2.16 -14.88
CA LYS A 335 -23.53 -0.74 -14.59
C LYS A 335 -22.16 -0.41 -14.00
N ILE A 336 -21.68 0.81 -14.27
CA ILE A 336 -20.40 1.28 -13.76
C ILE A 336 -20.61 2.09 -12.47
N ARG A 337 -19.83 1.78 -11.43
CA ARG A 337 -19.86 2.53 -10.16
C ARG A 337 -18.69 3.53 -10.06
N ARG A 338 -17.48 3.07 -10.36
CA ARG A 338 -16.30 3.94 -10.38
C ARG A 338 -15.65 3.92 -11.78
N ILE A 339 -15.18 5.08 -12.23
CA ILE A 339 -14.49 5.15 -13.52
C ILE A 339 -13.21 5.98 -13.40
N GLY A 340 -12.16 5.57 -14.10
CA GLY A 340 -10.91 6.33 -14.07
C GLY A 340 -9.94 5.89 -15.16
N VAL A 341 -8.72 6.42 -15.08
CA VAL A 341 -7.66 6.11 -16.05
C VAL A 341 -6.35 5.82 -15.36
N ARG A 342 -5.46 5.15 -16.08
CA ARG A 342 -4.10 4.93 -15.63
C ARG A 342 -3.15 5.16 -16.81
N PHE A 343 -2.10 5.94 -16.59
CA PHE A 343 -1.10 6.21 -17.62
C PHE A 343 0.21 5.56 -17.24
N SER A 344 0.89 5.01 -18.22
CA SER A 344 2.13 4.25 -17.96
C SER A 344 3.01 4.21 -19.22
N LYS A 345 4.10 3.42 -19.17
CA LYS A 345 5.12 3.33 -20.22
C LYS A 345 5.66 4.72 -20.56
N PHE A 346 6.24 5.36 -19.54
CA PHE A 346 6.70 6.73 -19.65
C PHE A 346 7.88 6.82 -20.62
N ILE A 347 7.91 7.87 -21.43
CA ILE A 347 9.08 8.17 -22.26
C ILE A 347 10.30 8.48 -21.38
C HN1 B 2 -4.39 -0.13 0.26
P HN1 B 2 -12.87 7.34 -4.55
C1 HN1 B 2 -5.78 -0.45 0.04
N1 HN1 B 2 -6.48 0.55 -0.70
C2 HN1 B 2 -6.06 1.82 -0.84
N2 HN1 B 2 -4.87 2.28 -0.26
C3 HN1 B 2 -3.94 1.22 -0.02
N3 HN1 B 2 -6.77 2.74 -1.57
C4 HN1 B 2 -7.96 2.37 -2.20
C5 HN1 B 2 -8.45 1.07 -2.09
C6 HN1 B 2 -7.72 0.13 -1.34
O6 HN1 B 2 -8.25 -1.18 -1.27
N7 HN1 B 2 -9.63 1.02 -2.81
C8 HN1 B 2 -9.88 2.26 -3.35
N9 HN1 B 2 -8.86 3.07 -2.97
C1' HN1 B 2 -8.34 4.70 -3.15
O11 HN1 B 2 -6.38 -1.46 0.85
OP1 HN1 B 2 -13.73 8.65 -4.49
C2' HN1 B 2 -8.03 4.83 -4.65
C3' HN1 B 2 -8.63 6.19 -4.96
O3' HN1 B 2 -7.58 7.09 -5.11
C4' HN1 B 2 -9.28 6.65 -3.68
O4' HN1 B 2 -9.50 5.46 -2.91
C5' HN1 B 2 -10.57 7.40 -3.88
O5' HN1 B 2 -11.33 7.67 -4.67
OP2 HN1 B 2 -13.41 6.40 -5.64
PG DGT D . -0.43 0.99 11.19
O1G DGT D . -1.16 0.00 12.03
O2G DGT D . 0.28 0.19 10.11
O3G DGT D . 0.55 1.69 12.07
O3B DGT D . -1.46 2.01 10.53
PB DGT D . -1.51 2.62 9.10
O1B DGT D . -2.71 3.55 9.02
O2B DGT D . -0.30 3.46 8.81
O3A DGT D . -1.77 1.50 8.09
PA DGT D . -0.83 1.00 7.01
O1A DGT D . -1.28 -0.38 6.59
O2A DGT D . 0.55 0.86 7.56
O5' DGT D . -0.87 1.94 5.72
C5' DGT D . -0.45 3.29 5.68
C4' DGT D . -1.31 4.30 5.17
O4' DGT D . -1.82 3.98 3.82
C3' DGT D . -2.51 4.51 6.01
O3' DGT D . -2.30 5.44 6.99
C2' DGT D . -3.49 5.02 5.04
C1' DGT D . -3.18 4.32 3.75
N9 DGT D . -4.09 3.21 3.66
C8 DGT D . -3.94 2.00 4.25
N7 DGT D . -5.05 1.26 3.99
C5 DGT D . -5.90 1.98 3.23
C6 DGT D . -7.15 1.76 2.67
O6 DGT D . -7.83 0.53 2.80
N1 DGT D . -7.72 2.75 1.96
C2 DGT D . -7.12 3.94 1.78
N2 DGT D . -7.78 4.94 1.03
N3 DGT D . -5.92 4.19 2.33
C4 DGT D . -5.30 3.24 3.04
CA CA E . 2.15 2.28 9.14
CA CA F . 2.69 0.16 6.05
CA CA G . -2.48 -11.26 5.59
CA CA H . 6.42 -18.08 -23.74
#